data_1LNX
#
_entry.id   1LNX
#
_cell.length_a   91.829
_cell.length_b   113.764
_cell.length_c   126.594
_cell.angle_alpha   90.00
_cell.angle_beta   90.00
_cell.angle_gamma   90.00
#
_symmetry.space_group_name_H-M   'C 2 2 21'
#
loop_
_entity.id
_entity.type
_entity.pdbx_description
1 polymer 'small nuclear ribonucleoprotein homolog (Sm-like)'
2 non-polymer URIDINE
3 non-polymer GLYCEROL
4 non-polymer 'ACETIC ACID'
5 water water
#
_entity_poly.entity_id   1
_entity_poly.type   'polypeptide(L)'
_entity_poly.pdbx_seq_one_letter_code
;MASDISKCFATLGATLQDSIGKQVLVKLRDSHEIRGILRSFDQHVNLLLEDAEEIIDGNVYKRGTMVVRGENVLFISPVP
G
;
_entity_poly.pdbx_strand_id   A,B,C,D,E,F,G
#
# COMPACT_ATOMS: atom_id res chain seq x y z
N CYS A 8 8.76 -7.46 31.09
CA CYS A 8 8.42 -8.79 30.49
C CYS A 8 7.20 -8.72 29.58
N PHE A 9 6.82 -7.50 29.19
CA PHE A 9 5.72 -7.30 28.24
C PHE A 9 5.89 -5.90 27.63
N ALA A 10 5.35 -5.71 26.43
CA ALA A 10 5.44 -4.44 25.74
C ALA A 10 4.58 -3.44 26.48
N THR A 11 5.07 -2.22 26.58
CA THR A 11 4.33 -1.20 27.30
C THR A 11 3.69 -0.14 26.40
N LEU A 12 3.49 -0.44 25.13
CA LEU A 12 2.85 0.54 24.22
C LEU A 12 1.37 0.74 24.57
N GLY A 13 0.64 -0.33 24.85
CA GLY A 13 -0.75 -0.16 25.20
C GLY A 13 -0.92 0.62 26.48
N ALA A 14 -0.01 0.39 27.43
CA ALA A 14 -0.07 1.10 28.69
C ALA A 14 0.14 2.60 28.45
N THR A 15 1.03 2.94 27.53
CA THR A 15 1.29 4.34 27.19
C THR A 15 0.03 5.03 26.64
N LEU A 16 -0.65 4.37 25.70
CA LEU A 16 -1.87 4.90 25.14
C LEU A 16 -2.94 5.08 26.26
N GLN A 17 -3.10 4.07 27.11
CA GLN A 17 -4.08 4.15 28.21
C GLN A 17 -3.78 5.39 29.03
N ASP A 18 -2.49 5.65 29.26
CA ASP A 18 -2.08 6.83 30.02
C ASP A 18 -2.31 8.13 29.30
N SER A 19 -2.59 8.04 28.00
CA SER A 19 -2.79 9.24 27.19
C SER A 19 -4.24 9.66 27.08
N ILE A 20 -5.17 8.85 27.57
CA ILE A 20 -6.57 9.25 27.48
C ILE A 20 -6.70 10.60 28.18
N GLY A 21 -7.40 11.53 27.55
CA GLY A 21 -7.57 12.85 28.13
C GLY A 21 -6.46 13.83 27.78
N LYS A 22 -5.38 13.36 27.18
CA LYS A 22 -4.31 14.27 26.82
C LYS A 22 -4.40 14.55 25.31
N GLN A 23 -3.88 15.69 24.88
CA GLN A 23 -3.90 16.00 23.47
C GLN A 23 -2.74 15.22 22.87
N VAL A 24 -2.97 14.64 21.70
CA VAL A 24 -1.92 13.89 21.02
C VAL A 24 -1.70 14.38 19.60
N LEU A 25 -0.47 14.24 19.12
CA LEU A 25 -0.15 14.56 17.73
C LEU A 25 -0.20 13.17 17.03
N VAL A 26 -0.94 13.09 15.94
CA VAL A 26 -1.04 11.86 15.18
C VAL A 26 -0.69 12.18 13.72
N LYS A 27 0.25 11.44 13.13
CA LYS A 27 0.55 11.64 11.72
C LYS A 27 0.15 10.35 11.01
N LEU A 28 -0.41 10.49 9.80
CA LEU A 28 -0.91 9.36 9.01
C LEU A 28 -0.22 9.29 7.66
N ARG A 29 -0.47 8.22 6.90
CA ARG A 29 0.05 8.03 5.54
C ARG A 29 -0.36 9.27 4.71
N ASP A 30 0.33 9.48 3.58
CA ASP A 30 0.02 10.58 2.67
C ASP A 30 0.19 11.95 3.29
N SER A 31 1.12 12.08 4.23
CA SER A 31 1.41 13.35 4.89
C SER A 31 0.27 14.03 5.64
N HIS A 32 -0.54 13.31 6.40
CA HIS A 32 -1.58 14.01 7.15
C HIS A 32 -1.07 14.17 8.59
N GLU A 33 -1.42 15.31 9.17
CA GLU A 33 -1.01 15.69 10.53
C GLU A 33 -2.25 16.16 11.25
N ILE A 34 -2.55 15.47 12.35
CA ILE A 34 -3.74 15.73 13.15
C ILE A 34 -3.39 15.83 14.62
N ARG A 35 -4.20 16.62 15.35
CA ARG A 35 -4.04 16.79 16.78
C ARG A 35 -5.41 16.76 17.41
N GLY A 36 -5.51 16.18 18.59
CA GLY A 36 -6.80 16.12 19.26
C GLY A 36 -6.67 15.45 20.60
N ILE A 37 -7.75 15.45 21.38
CA ILE A 37 -7.76 14.83 22.68
C ILE A 37 -8.07 13.33 22.52
N LEU A 38 -7.16 12.48 22.96
CA LEU A 38 -7.40 11.06 22.85
C LEU A 38 -8.50 10.67 23.82
N ARG A 39 -9.63 10.17 23.31
CA ARG A 39 -10.72 9.74 24.18
C ARG A 39 -10.90 8.23 24.24
N SER A 40 -10.56 7.52 23.17
CA SER A 40 -10.70 6.06 23.14
C SER A 40 -9.75 5.45 22.09
N PHE A 41 -9.47 4.15 22.21
CA PHE A 41 -8.61 3.45 21.24
C PHE A 41 -8.76 1.95 21.36
N ASP A 42 -8.34 1.21 20.34
CA ASP A 42 -8.41 -0.25 20.41
C ASP A 42 -7.03 -0.83 20.11
N GLN A 43 -6.93 -2.16 20.16
CA GLN A 43 -5.65 -2.83 19.93
C GLN A 43 -5.08 -2.55 18.52
N HIS A 44 -5.93 -2.16 17.57
CA HIS A 44 -5.47 -1.88 16.21
C HIS A 44 -5.03 -0.45 16.01
N VAL A 45 -5.05 0.29 17.11
CA VAL A 45 -4.67 1.69 17.09
C VAL A 45 -5.68 2.56 16.32
N ASN A 46 -6.91 2.09 16.22
CA ASN A 46 -7.97 2.91 15.65
C ASN A 46 -8.19 3.94 16.79
N LEU A 47 -8.43 5.20 16.47
CA LEU A 47 -8.55 6.20 17.50
C LEU A 47 -9.84 7.01 17.49
N LEU A 48 -10.22 7.51 18.67
CA LEU A 48 -11.36 8.41 18.81
C LEU A 48 -10.74 9.66 19.38
N LEU A 49 -10.85 10.76 18.64
CA LEU A 49 -10.30 12.02 19.08
C LEU A 49 -11.42 13.02 19.23
N GLU A 50 -11.29 13.93 20.21
CA GLU A 50 -12.29 14.99 20.41
C GLU A 50 -11.54 16.31 20.26
N ASP A 51 -12.25 17.38 19.90
CA ASP A 51 -11.63 18.69 19.68
C ASP A 51 -10.46 18.52 18.72
N ALA A 52 -10.60 17.66 17.72
CA ALA A 52 -9.51 17.41 16.78
C ALA A 52 -9.39 18.50 15.71
N GLU A 53 -8.21 18.55 15.11
CA GLU A 53 -7.93 19.51 14.07
C GLU A 53 -6.84 18.98 13.13
N GLU A 54 -6.91 19.39 11.86
CA GLU A 54 -5.89 19.02 10.88
C GLU A 54 -4.98 20.22 10.73
N ILE A 55 -3.69 19.95 10.48
CA ILE A 55 -2.71 20.98 10.22
C ILE A 55 -2.38 20.77 8.77
N ILE A 56 -2.82 21.70 7.92
CA ILE A 56 -2.58 21.60 6.49
C ILE A 56 -1.86 22.85 6.00
N ASP A 57 -0.65 22.66 5.46
CA ASP A 57 0.17 23.76 4.97
C ASP A 57 0.32 24.87 6.01
N GLY A 58 0.66 24.50 7.25
CA GLY A 58 0.82 25.48 8.30
C GLY A 58 -0.46 25.99 8.93
N ASN A 59 -1.60 25.73 8.29
CA ASN A 59 -2.89 26.20 8.79
C ASN A 59 -3.69 25.17 9.56
N VAL A 60 -4.43 25.62 10.56
CA VAL A 60 -5.22 24.71 11.40
C VAL A 60 -6.69 24.65 11.04
N TYR A 61 -7.23 23.45 10.82
CA TYR A 61 -8.66 23.30 10.50
C TYR A 61 -9.31 22.45 11.59
N LYS A 62 -10.10 23.09 12.46
CA LYS A 62 -10.78 22.38 13.53
C LYS A 62 -11.87 21.45 12.99
N ARG A 63 -11.90 20.22 13.49
CA ARG A 63 -12.89 19.25 12.99
C ARG A 63 -13.83 18.75 14.07
N GLY A 64 -13.36 18.76 15.32
CA GLY A 64 -14.20 18.26 16.40
C GLY A 64 -13.96 16.79 16.71
N THR A 65 -15.01 16.00 16.63
CA THR A 65 -14.92 14.58 16.90
C THR A 65 -14.41 13.85 15.66
N MET A 66 -13.46 12.94 15.87
CA MET A 66 -12.88 12.24 14.74
C MET A 66 -12.52 10.78 15.07
N VAL A 67 -12.86 9.88 14.16
CA VAL A 67 -12.55 8.46 14.26
C VAL A 67 -11.43 8.24 13.26
N VAL A 68 -10.27 7.80 13.74
CA VAL A 68 -9.07 7.58 12.91
C VAL A 68 -8.76 6.08 12.77
N ARG A 69 -8.54 5.60 11.54
CA ARG A 69 -8.21 4.19 11.29
C ARG A 69 -6.72 3.91 11.59
N GLY A 70 -6.46 2.92 12.45
CA GLY A 70 -5.09 2.62 12.84
C GLY A 70 -4.16 2.22 11.71
N GLU A 71 -4.71 1.53 10.71
CA GLU A 71 -3.96 1.05 9.56
C GLU A 71 -3.08 2.13 8.94
N ASN A 72 -3.60 3.37 8.89
CA ASN A 72 -2.81 4.43 8.28
C ASN A 72 -2.00 5.26 9.22
N VAL A 73 -2.07 4.94 10.52
CA VAL A 73 -1.32 5.71 11.48
C VAL A 73 0.18 5.42 11.41
N LEU A 74 0.99 6.47 11.43
CA LEU A 74 2.44 6.37 11.45
C LEU A 74 2.86 6.39 12.94
N PHE A 75 2.45 7.43 13.66
CA PHE A 75 2.74 7.51 15.07
C PHE A 75 1.74 8.36 15.86
N ILE A 76 1.79 8.16 17.18
CA ILE A 76 0.94 8.86 18.12
C ILE A 76 1.89 9.42 19.16
N SER A 77 1.80 10.71 19.42
CA SER A 77 2.66 11.33 20.40
C SER A 77 1.94 12.37 21.28
N PRO A 78 1.79 12.08 22.59
CA PRO A 78 1.11 13.04 23.46
C PRO A 78 1.89 14.35 23.39
N VAL A 79 1.18 15.45 23.18
CA VAL A 79 1.83 16.76 23.05
C VAL A 79 2.44 17.22 24.37
N PRO A 80 3.77 17.47 24.37
CA PRO A 80 4.60 17.91 25.50
C PRO A 80 4.09 19.20 26.15
N GLY A 81 3.98 19.17 27.48
CA GLY A 81 3.52 20.34 28.23
C GLY A 81 2.07 20.67 27.98
N CYS B 8 21.55 -20.53 14.33
CA CYS B 8 20.39 -21.44 14.15
C CYS B 8 19.03 -20.81 14.48
N PHE B 9 19.02 -19.48 14.60
CA PHE B 9 17.82 -18.66 14.78
C PHE B 9 18.22 -17.26 14.34
N ALA B 10 17.24 -16.48 13.88
CA ALA B 10 17.47 -15.12 13.43
C ALA B 10 17.72 -14.27 14.65
N THR B 11 18.64 -13.32 14.53
CA THR B 11 19.04 -12.49 15.64
C THR B 11 18.51 -11.06 15.64
N LEU B 12 17.46 -10.83 14.86
CA LEU B 12 16.89 -9.49 14.79
C LEU B 12 16.27 -9.10 16.12
N GLY B 13 15.48 -9.99 16.69
CA GLY B 13 14.83 -9.69 17.96
C GLY B 13 15.81 -9.34 19.06
N ALA B 14 16.91 -10.09 19.13
CA ALA B 14 17.96 -9.88 20.13
C ALA B 14 18.63 -8.51 19.92
N THR B 15 18.73 -8.08 18.65
CA THR B 15 19.34 -6.77 18.38
C THR B 15 18.48 -5.68 18.99
N LEU B 16 17.16 -5.75 18.75
CA LEU B 16 16.23 -4.78 19.31
C LEU B 16 16.26 -4.82 20.88
N GLN B 17 16.31 -6.01 21.48
CA GLN B 17 16.34 -6.11 22.94
C GLN B 17 17.56 -5.38 23.45
N ASP B 18 18.67 -5.56 22.75
CA ASP B 18 19.93 -4.92 23.12
C ASP B 18 19.92 -3.43 22.93
N SER B 19 18.92 -2.92 22.20
CA SER B 19 18.86 -1.49 21.93
C SER B 19 17.95 -0.72 22.89
N ILE B 20 17.36 -1.42 23.86
CA ILE B 20 16.51 -0.76 24.84
C ILE B 20 17.38 0.24 25.61
N GLY B 21 16.89 1.47 25.76
CA GLY B 21 17.67 2.50 26.44
C GLY B 21 18.64 3.19 25.50
N LYS B 22 18.70 2.78 24.23
CA LYS B 22 19.62 3.42 23.29
C LYS B 22 18.91 4.33 22.31
N GLN B 23 19.67 5.27 21.78
CA GLN B 23 19.21 6.21 20.77
C GLN B 23 19.05 5.40 19.47
N VAL B 24 17.88 5.47 18.83
CA VAL B 24 17.68 4.76 17.57
C VAL B 24 17.18 5.70 16.50
N LEU B 25 17.59 5.47 15.25
CA LEU B 25 17.11 6.23 14.11
C LEU B 25 16.05 5.33 13.47
N VAL B 26 14.85 5.88 13.22
CA VAL B 26 13.79 5.10 12.59
C VAL B 26 13.24 5.82 11.37
N LYS B 27 13.14 5.10 10.25
CA LYS B 27 12.56 5.71 9.07
C LYS B 27 11.27 4.97 8.77
N LEU B 28 10.30 5.73 8.30
CA LEU B 28 8.97 5.18 8.05
C LEU B 28 8.53 5.44 6.61
N ARG B 29 7.42 4.84 6.23
CA ARG B 29 6.89 5.06 4.86
C ARG B 29 6.66 6.58 4.68
N ASP B 30 6.63 7.03 3.43
CA ASP B 30 6.36 8.42 3.10
C ASP B 30 7.45 9.37 3.49
N SER B 31 8.68 8.87 3.59
CA SER B 31 9.81 9.69 3.88
C SER B 31 9.87 10.32 5.25
N HIS B 32 9.34 9.66 6.27
CA HIS B 32 9.43 10.20 7.62
C HIS B 32 10.70 9.68 8.29
N GLU B 33 11.36 10.56 9.03
CA GLU B 33 12.61 10.25 9.74
C GLU B 33 12.47 10.65 11.20
N ILE B 34 12.66 9.67 12.08
CA ILE B 34 12.53 9.88 13.52
C ILE B 34 13.73 9.35 14.29
N ARG B 35 14.00 10.04 15.39
CA ARG B 35 15.08 9.74 16.29
C ARG B 35 14.48 9.69 17.70
N GLY B 36 14.96 8.77 18.53
CA GLY B 36 14.47 8.67 19.89
C GLY B 36 15.12 7.52 20.65
N ILE B 37 14.81 7.44 21.94
CA ILE B 37 15.35 6.40 22.80
C ILE B 37 14.32 5.28 22.86
N LEU B 38 14.75 4.11 22.46
CA LEU B 38 13.89 2.94 22.42
C LEU B 38 13.64 2.43 23.83
N ARG B 39 12.38 2.43 24.22
CA ARG B 39 11.98 1.99 25.55
C ARG B 39 11.23 0.67 25.53
N SER B 40 10.56 0.37 24.42
CA SER B 40 9.80 -0.88 24.35
C SER B 40 9.47 -1.22 22.90
N PHE B 41 9.10 -2.47 22.65
CA PHE B 41 8.73 -2.89 21.30
C PHE B 41 8.08 -4.26 21.34
N ASP B 42 7.41 -4.64 20.26
CA ASP B 42 6.81 -5.98 20.18
C ASP B 42 7.30 -6.67 18.87
N GLN B 43 6.82 -7.90 18.65
CA GLN B 43 7.18 -8.71 17.49
C GLN B 43 6.81 -8.10 16.13
N HIS B 44 5.88 -7.16 16.13
CA HIS B 44 5.47 -6.47 14.91
C HIS B 44 6.27 -5.20 14.65
N VAL B 45 7.25 -4.97 15.49
CA VAL B 45 8.08 -3.79 15.39
C VAL B 45 7.33 -2.49 15.75
N ASN B 46 6.25 -2.59 16.50
CA ASN B 46 5.56 -1.39 17.00
C ASN B 46 6.59 -0.91 18.07
N LEU B 47 6.81 0.41 18.19
CA LEU B 47 7.81 0.93 19.10
C LEU B 47 7.31 2.00 20.05
N LEU B 48 7.94 2.04 21.23
CA LEU B 48 7.68 3.09 22.23
C LEU B 48 9.01 3.82 22.30
N LEU B 49 8.99 5.11 21.93
CA LEU B 49 10.19 5.93 21.97
C LEU B 49 10.00 7.10 22.94
N GLU B 50 11.09 7.52 23.56
CA GLU B 50 11.06 8.67 24.46
C GLU B 50 12.04 9.71 23.94
N ASP B 51 11.85 10.97 24.31
CA ASP B 51 12.70 12.08 23.83
C ASP B 51 12.88 11.94 22.31
N ALA B 52 11.78 11.59 21.68
CA ALA B 52 11.71 11.39 20.25
C ALA B 52 11.56 12.71 19.52
N GLU B 53 12.11 12.77 18.32
CA GLU B 53 12.00 13.96 17.52
C GLU B 53 11.92 13.59 16.04
N GLU B 54 11.32 14.47 15.23
CA GLU B 54 11.22 14.27 13.80
C GLU B 54 12.26 15.18 13.12
N ILE B 55 12.88 14.66 12.07
CA ILE B 55 13.84 15.41 11.28
C ILE B 55 13.09 15.69 9.97
N ILE B 56 12.69 16.94 9.79
CA ILE B 56 11.93 17.38 8.62
C ILE B 56 12.67 18.51 7.90
N ASP B 57 13.05 18.28 6.65
CA ASP B 57 13.76 19.31 5.88
C ASP B 57 14.99 19.85 6.61
N GLY B 58 15.68 18.98 7.36
CA GLY B 58 16.87 19.41 8.07
C GLY B 58 16.66 20.09 9.40
N ASN B 59 15.42 20.16 9.86
CA ASN B 59 15.16 20.79 11.14
C ASN B 59 14.63 19.74 12.10
N VAL B 60 14.85 19.97 13.40
CA VAL B 60 14.46 19.00 14.40
C VAL B 60 13.21 19.44 15.18
N TYR B 61 12.20 18.58 15.21
CA TYR B 61 10.97 18.86 15.93
C TYR B 61 10.89 17.85 17.08
N LYS B 62 10.98 18.35 18.31
CA LYS B 62 10.94 17.47 19.48
C LYS B 62 9.52 17.12 19.79
N ARG B 63 9.26 15.83 20.00
CA ARG B 63 7.90 15.38 20.26
C ARG B 63 7.71 14.71 21.60
N GLY B 64 8.78 14.22 22.20
CA GLY B 64 8.70 13.54 23.49
C GLY B 64 8.42 12.05 23.37
N THR B 65 7.33 11.61 23.99
CA THR B 65 6.92 10.22 23.95
C THR B 65 6.17 9.91 22.67
N MET B 66 6.55 8.80 22.03
CA MET B 66 5.94 8.43 20.78
C MET B 66 5.77 6.92 20.56
N VAL B 67 4.56 6.51 20.18
CA VAL B 67 4.26 5.12 19.84
C VAL B 67 4.29 5.09 18.30
N VAL B 68 5.11 4.22 17.75
CA VAL B 68 5.28 4.10 16.32
C VAL B 68 4.76 2.73 15.84
N ARG B 69 3.87 2.73 14.84
CA ARG B 69 3.32 1.48 14.31
C ARG B 69 4.31 0.80 13.41
N GLY B 70 4.63 -0.45 13.73
CA GLY B 70 5.61 -1.21 12.98
C GLY B 70 5.25 -1.42 11.52
N GLU B 71 3.95 -1.48 11.21
CA GLU B 71 3.53 -1.71 9.82
C GLU B 71 4.12 -0.71 8.82
N ASN B 72 4.40 0.51 9.27
CA ASN B 72 4.95 1.50 8.37
C ASN B 72 6.43 1.80 8.57
N VAL B 73 7.09 0.98 9.39
CA VAL B 73 8.50 1.14 9.62
C VAL B 73 9.30 0.52 8.47
N LEU B 74 10.35 1.20 8.02
CA LEU B 74 11.25 0.72 6.97
C LEU B 74 12.46 0.09 7.67
N PHE B 75 13.11 0.85 8.55
CA PHE B 75 14.23 0.29 9.32
C PHE B 75 14.40 0.94 10.69
N ILE B 76 15.11 0.25 11.58
CA ILE B 76 15.38 0.77 12.91
C ILE B 76 16.88 0.61 12.97
N SER B 77 17.59 1.67 13.33
CA SER B 77 19.03 1.59 13.39
C SER B 77 19.57 2.32 14.63
N PRO B 78 20.19 1.56 15.56
CA PRO B 78 20.75 2.15 16.78
C PRO B 78 21.83 3.15 16.36
N VAL B 79 21.73 4.38 16.86
CA VAL B 79 22.71 5.39 16.48
C VAL B 79 24.06 5.06 17.10
N PRO B 80 25.10 4.95 16.25
CA PRO B 80 26.48 4.63 16.68
C PRO B 80 27.00 5.64 17.71
N CYS C 8 14.34 -29.20 -7.29
CA CYS C 8 12.92 -29.52 -6.90
C CYS C 8 12.47 -28.68 -5.70
N PHE C 9 13.17 -27.59 -5.44
CA PHE C 9 12.78 -26.62 -4.39
C PHE C 9 13.38 -25.28 -4.80
N ALA C 10 12.77 -24.20 -4.33
CA ALA C 10 13.25 -22.87 -4.65
C ALA C 10 14.58 -22.63 -3.89
N THR C 11 15.52 -21.94 -4.53
CA THR C 11 16.83 -21.72 -3.92
C THR C 11 17.09 -20.32 -3.40
N LEU C 12 16.04 -19.52 -3.24
CA LEU C 12 16.21 -18.17 -2.74
C LEU C 12 16.81 -18.18 -1.32
N GLY C 13 16.24 -19.01 -0.46
CA GLY C 13 16.72 -19.13 0.91
C GLY C 13 18.19 -19.51 0.90
N ALA C 14 18.54 -20.51 0.10
CA ALA C 14 19.94 -20.96 0.01
C ALA C 14 20.81 -19.76 -0.37
N THR C 15 20.30 -18.92 -1.28
CA THR C 15 21.05 -17.74 -1.70
C THR C 15 21.33 -16.74 -0.57
N LEU C 16 20.30 -16.43 0.22
CA LEU C 16 20.52 -15.49 1.32
C LEU C 16 21.49 -16.11 2.35
N GLN C 17 21.37 -17.41 2.62
CA GLN C 17 22.25 -18.07 3.57
C GLN C 17 23.70 -17.91 3.10
N ASP C 18 23.92 -18.08 1.79
CA ASP C 18 25.23 -17.94 1.20
C ASP C 18 25.73 -16.50 1.26
N SER C 19 24.83 -15.54 1.52
CA SER C 19 25.19 -14.12 1.57
C SER C 19 25.57 -13.62 2.98
N ILE C 20 25.38 -14.45 3.99
CA ILE C 20 25.72 -14.07 5.35
C ILE C 20 27.19 -13.64 5.33
N GLY C 21 27.47 -12.47 5.89
CA GLY C 21 28.83 -11.98 5.92
C GLY C 21 29.25 -11.18 4.69
N LYS C 22 28.40 -11.06 3.68
CA LYS C 22 28.79 -10.31 2.47
C LYS C 22 28.08 -8.98 2.41
N GLN C 23 28.66 -8.04 1.69
CA GLN C 23 27.96 -6.78 1.57
C GLN C 23 26.83 -7.00 0.57
N VAL C 24 25.67 -6.44 0.91
CA VAL C 24 24.53 -6.54 0.02
C VAL C 24 23.95 -5.15 -0.26
N LEU C 25 23.31 -5.04 -1.42
CA LEU C 25 22.60 -3.85 -1.82
C LEU C 25 21.12 -4.20 -1.59
N VAL C 26 20.39 -3.34 -0.89
CA VAL C 26 18.97 -3.57 -0.62
C VAL C 26 18.19 -2.34 -1.03
N LYS C 27 17.10 -2.52 -1.79
CA LYS C 27 16.28 -1.36 -2.14
C LYS C 27 14.90 -1.61 -1.59
N LEU C 28 14.33 -0.53 -1.05
CA LEU C 28 13.01 -0.57 -0.44
C LEU C 28 12.03 0.35 -1.14
N ARG C 29 10.74 0.18 -0.80
CA ARG C 29 9.68 1.03 -1.29
C ARG C 29 10.11 2.47 -0.96
N ASP C 30 9.48 3.43 -1.65
CA ASP C 30 9.72 4.86 -1.45
C ASP C 30 11.14 5.34 -1.79
N SER C 31 11.76 4.67 -2.76
CA SER C 31 13.08 5.00 -3.26
C SER C 31 14.24 4.97 -2.29
N HIS C 32 14.24 4.00 -1.37
CA HIS C 32 15.35 3.90 -0.43
C HIS C 32 16.36 2.90 -0.94
N GLU C 33 17.62 3.22 -0.71
CA GLU C 33 18.73 2.40 -1.14
C GLU C 33 19.71 2.25 0.01
N ILE C 34 20.00 1.01 0.37
CA ILE C 34 20.88 0.71 1.49
C ILE C 34 21.94 -0.33 1.16
N ARG C 35 23.11 -0.19 1.78
CA ARG C 35 24.16 -1.17 1.58
C ARG C 35 24.64 -1.57 2.97
N GLY C 36 24.99 -2.84 3.12
CA GLY C 36 25.47 -3.26 4.41
C GLY C 36 25.82 -4.72 4.41
N ILE C 37 26.45 -5.15 5.49
CA ILE C 37 26.85 -6.53 5.64
C ILE C 37 25.66 -7.34 6.17
N LEU C 38 25.27 -8.35 5.44
CA LEU C 38 24.14 -9.16 5.90
C LEU C 38 24.57 -10.08 7.03
N ARG C 39 24.00 -9.90 8.21
CA ARG C 39 24.34 -10.76 9.34
C ARG C 39 23.25 -11.78 9.70
N SER C 40 22.00 -11.46 9.39
CA SER C 40 20.92 -12.38 9.76
C SER C 40 19.67 -12.01 8.98
N PHE C 41 18.72 -12.96 8.90
CA PHE C 41 17.47 -12.75 8.17
C PHE C 41 16.51 -13.89 8.51
N ASP C 42 15.22 -13.66 8.24
CA ASP C 42 14.22 -14.70 8.47
C ASP C 42 13.45 -15.00 7.18
N GLN C 43 12.43 -15.86 7.30
CA GLN C 43 11.63 -16.27 6.14
C GLN C 43 10.84 -15.12 5.51
N HIS C 44 10.59 -14.07 6.28
CA HIS C 44 9.86 -12.90 5.78
C HIS C 44 10.77 -11.87 5.12
N VAL C 45 12.05 -12.19 5.06
CA VAL C 45 13.03 -11.29 4.47
C VAL C 45 13.28 -10.06 5.37
N ASN C 46 13.01 -10.19 6.66
CA ASN C 46 13.38 -9.14 7.60
C ASN C 46 14.91 -9.32 7.67
N LEU C 47 15.67 -8.24 7.72
CA LEU C 47 17.13 -8.34 7.74
C LEU C 47 17.86 -7.66 8.88
N LEU C 48 19.04 -8.18 9.19
CA LEU C 48 19.92 -7.56 10.17
C LEU C 48 21.18 -7.22 9.39
N LEU C 49 21.48 -5.93 9.28
CA LEU C 49 22.67 -5.51 8.59
C LEU C 49 23.61 -4.85 9.61
N GLU C 50 24.90 -4.91 9.32
CA GLU C 50 25.92 -4.24 10.13
C GLU C 50 26.73 -3.35 9.17
N ASP C 51 27.39 -2.32 9.71
CA ASP C 51 28.14 -1.40 8.86
C ASP C 51 27.27 -0.92 7.69
N ALA C 52 26.00 -0.68 7.97
CA ALA C 52 25.04 -0.28 6.95
C ALA C 52 25.12 1.21 6.65
N GLU C 53 24.69 1.57 5.45
CA GLU C 53 24.69 2.96 5.04
C GLU C 53 23.55 3.27 4.07
N GLU C 54 23.01 4.48 4.14
CA GLU C 54 21.97 4.87 3.20
C GLU C 54 22.62 5.69 2.09
N ILE C 55 22.11 5.50 0.87
CA ILE C 55 22.57 6.21 -0.32
C ILE C 55 21.35 7.07 -0.75
N ILE C 56 21.47 8.38 -0.57
CA ILE C 56 20.37 9.29 -0.89
C ILE C 56 20.90 10.43 -1.75
N ASP C 57 20.49 10.44 -3.01
CA ASP C 57 20.90 11.47 -3.99
C ASP C 57 22.41 11.66 -4.00
N GLY C 58 23.19 10.58 -3.97
CA GLY C 58 24.63 10.75 -3.98
C GLY C 58 25.25 10.90 -2.60
N ASN C 59 24.47 11.28 -1.60
CA ASN C 59 24.99 11.38 -0.22
C ASN C 59 25.07 9.96 0.33
N VAL C 60 26.03 9.69 1.22
CA VAL C 60 26.14 8.36 1.86
C VAL C 60 26.15 8.63 3.37
N TYR C 61 25.17 8.10 4.09
CA TYR C 61 25.09 8.28 5.54
C TYR C 61 25.28 6.95 6.25
N LYS C 62 26.40 6.78 6.96
CA LYS C 62 26.67 5.56 7.69
C LYS C 62 25.70 5.45 8.88
N ARG C 63 25.11 4.27 9.05
CA ARG C 63 24.15 4.02 10.12
C ARG C 63 24.61 2.94 11.09
N GLY C 64 25.49 2.04 10.65
CA GLY C 64 25.96 0.98 11.52
C GLY C 64 25.00 -0.21 11.48
N THR C 65 24.46 -0.57 12.64
CA THR C 65 23.54 -1.71 12.75
C THR C 65 22.14 -1.31 12.34
N MET C 66 21.54 -2.15 11.51
CA MET C 66 20.21 -1.86 11.01
C MET C 66 19.31 -3.08 10.85
N VAL C 67 18.10 -2.96 11.38
CA VAL C 67 17.10 -4.00 11.27
C VAL C 67 16.16 -3.49 10.20
N VAL C 68 15.94 -4.27 9.15
CA VAL C 68 15.09 -3.88 8.02
C VAL C 68 13.85 -4.78 7.90
N ARG C 69 12.68 -4.17 7.81
CA ARG C 69 11.46 -4.95 7.68
C ARG C 69 11.31 -5.48 6.25
N GLY C 70 11.11 -6.78 6.15
CA GLY C 70 10.96 -7.40 4.84
C GLY C 70 9.80 -6.94 3.97
N GLU C 71 8.70 -6.53 4.59
CA GLU C 71 7.54 -6.11 3.83
C GLU C 71 7.83 -5.04 2.74
N ASN C 72 8.77 -4.13 3.02
CA ASN C 72 9.11 -3.08 2.05
C ASN C 72 10.31 -3.35 1.16
N VAL C 73 10.92 -4.52 1.32
CA VAL C 73 12.08 -4.83 0.51
C VAL C 73 11.68 -5.14 -0.93
N LEU C 74 12.35 -4.49 -1.88
CA LEU C 74 12.14 -4.73 -3.32
C LEU C 74 13.07 -5.87 -3.73
N PHE C 75 14.37 -5.72 -3.45
CA PHE C 75 15.32 -6.78 -3.77
C PHE C 75 16.54 -6.72 -2.87
N ILE C 76 17.32 -7.80 -2.89
CA ILE C 76 18.55 -7.92 -2.12
C ILE C 76 19.58 -8.47 -3.10
N SER C 77 20.71 -7.79 -3.21
CA SER C 77 21.75 -8.22 -4.11
C SER C 77 23.16 -8.13 -3.54
N PRO C 78 23.85 -9.27 -3.40
CA PRO C 78 25.23 -9.33 -2.88
C PRO C 78 26.06 -8.43 -3.80
N VAL C 79 26.81 -7.50 -3.24
CA VAL C 79 27.62 -6.60 -4.06
C VAL C 79 28.70 -7.37 -4.78
N PRO C 80 28.81 -7.22 -6.12
CA PRO C 80 29.81 -7.91 -6.95
C PRO C 80 31.25 -7.57 -6.56
N CYS D 8 -7.60 -26.66 -18.35
CA CYS D 8 -8.43 -26.74 -17.11
C CYS D 8 -7.65 -26.37 -15.84
N PHE D 9 -6.52 -25.70 -16.04
CA PHE D 9 -5.73 -25.18 -14.93
C PHE D 9 -5.04 -23.93 -15.49
N ALA D 10 -4.71 -22.97 -14.61
CA ALA D 10 -4.04 -21.74 -15.06
C ALA D 10 -2.61 -22.15 -15.44
N THR D 11 -2.08 -21.51 -16.47
CA THR D 11 -0.77 -21.87 -16.97
C THR D 11 0.34 -20.88 -16.63
N LEU D 12 0.13 -20.07 -15.61
CA LEU D 12 1.13 -19.06 -15.23
C LEU D 12 2.40 -19.70 -14.66
N GLY D 13 2.23 -20.69 -13.79
CA GLY D 13 3.37 -21.39 -13.22
C GLY D 13 4.20 -22.08 -14.30
N ALA D 14 3.49 -22.69 -15.26
CA ALA D 14 4.14 -23.38 -16.37
C ALA D 14 4.99 -22.40 -17.17
N THR D 15 4.50 -21.18 -17.31
CA THR D 15 5.23 -20.16 -18.05
C THR D 15 6.52 -19.82 -17.32
N LEU D 16 6.43 -19.64 -16.01
CA LEU D 16 7.65 -19.35 -15.23
C LEU D 16 8.66 -20.51 -15.29
N GLN D 17 8.18 -21.75 -15.12
CA GLN D 17 9.09 -22.91 -15.19
C GLN D 17 9.81 -22.89 -16.54
N ASP D 18 9.07 -22.61 -17.62
CA ASP D 18 9.62 -22.56 -18.96
C ASP D 18 10.59 -21.38 -19.14
N SER D 19 10.55 -20.41 -18.24
CA SER D 19 11.46 -19.29 -18.36
C SER D 19 12.77 -19.51 -17.60
N ILE D 20 12.89 -20.61 -16.87
CA ILE D 20 14.13 -20.88 -16.12
C ILE D 20 15.30 -20.86 -17.08
N GLY D 21 16.34 -20.10 -16.73
CA GLY D 21 17.52 -20.02 -17.57
C GLY D 21 17.42 -18.99 -18.68
N LYS D 22 16.29 -18.29 -18.79
CA LYS D 22 16.12 -17.27 -19.83
C LYS D 22 16.16 -15.87 -19.23
N GLN D 23 16.48 -14.87 -20.05
CA GLN D 23 16.48 -13.50 -19.55
C GLN D 23 15.02 -13.05 -19.43
N VAL D 24 14.72 -12.35 -18.35
CA VAL D 24 13.36 -11.83 -18.15
C VAL D 24 13.47 -10.37 -17.76
N LEU D 25 12.42 -9.63 -18.06
CA LEU D 25 12.30 -8.21 -17.69
C LEU D 25 11.32 -8.27 -16.53
N VAL D 26 11.64 -7.58 -15.43
CA VAL D 26 10.77 -7.56 -14.27
C VAL D 26 10.50 -6.11 -13.86
N LYS D 27 9.24 -5.70 -13.74
CA LYS D 27 8.97 -4.36 -13.26
C LYS D 27 8.35 -4.48 -11.87
N LEU D 28 8.74 -3.55 -11.00
CA LEU D 28 8.28 -3.55 -9.62
C LEU D 28 7.58 -2.23 -9.27
N ARG D 29 6.98 -2.22 -8.08
CA ARG D 29 6.32 -1.02 -7.53
C ARG D 29 7.36 0.12 -7.53
N ASP D 30 6.87 1.35 -7.53
CA ASP D 30 7.73 2.53 -7.51
C ASP D 30 8.62 2.68 -8.73
N SER D 31 8.13 2.26 -9.90
CA SER D 31 8.84 2.41 -11.17
C SER D 31 10.20 1.76 -11.32
N HIS D 32 10.46 0.66 -10.61
CA HIS D 32 11.75 -0.02 -10.75
C HIS D 32 11.67 -0.98 -11.93
N GLU D 33 12.76 -1.05 -12.70
CA GLU D 33 12.84 -1.90 -13.88
C GLU D 33 14.15 -2.69 -13.82
N ILE D 34 14.01 -4.01 -13.85
CA ILE D 34 15.16 -4.91 -13.73
C ILE D 34 15.14 -5.99 -14.80
N ARG D 35 16.34 -6.42 -15.20
CA ARG D 35 16.54 -7.48 -16.16
C ARG D 35 17.53 -8.48 -15.56
N GLY D 36 17.33 -9.74 -15.86
CA GLY D 36 18.24 -10.75 -15.39
C GLY D 36 17.85 -12.12 -15.89
N ILE D 37 18.69 -13.12 -15.60
CA ILE D 37 18.43 -14.51 -15.99
C ILE D 37 17.66 -15.18 -14.85
N LEU D 38 16.47 -15.69 -15.14
CA LEU D 38 15.68 -16.35 -14.10
C LEU D 38 16.30 -17.68 -13.73
N ARG D 39 16.65 -17.85 -12.45
CA ARG D 39 17.26 -19.09 -11.96
C ARG D 39 16.37 -19.89 -11.02
N SER D 40 15.43 -19.20 -10.35
CA SER D 40 14.55 -19.88 -9.38
C SER D 40 13.39 -18.94 -9.02
N PHE D 41 12.27 -19.52 -8.60
CA PHE D 41 11.08 -18.77 -8.18
C PHE D 41 10.17 -19.67 -7.33
N ASP D 42 9.23 -19.05 -6.61
CA ASP D 42 8.27 -19.82 -5.84
C ASP D 42 6.88 -19.33 -6.21
N GLN D 43 5.88 -19.90 -5.52
CA GLN D 43 4.49 -19.57 -5.77
C GLN D 43 4.06 -18.12 -5.49
N HIS D 44 4.84 -17.38 -4.68
CA HIS D 44 4.52 -15.96 -4.39
C HIS D 44 5.23 -15.08 -5.40
N VAL D 45 5.87 -15.70 -6.37
CA VAL D 45 6.59 -14.94 -7.39
C VAL D 45 7.85 -14.26 -6.82
N ASN D 46 8.40 -14.80 -5.74
CA ASN D 46 9.69 -14.32 -5.22
C ASN D 46 10.65 -14.90 -6.28
N LEU D 47 11.69 -14.15 -6.66
CA LEU D 47 12.58 -14.57 -7.72
C LEU D 47 14.07 -14.55 -7.38
N LEU D 48 14.83 -15.43 -8.02
CA LEU D 48 16.27 -15.42 -7.88
C LEU D 48 16.74 -15.13 -9.31
N LEU D 49 17.46 -14.04 -9.49
CA LEU D 49 17.98 -13.69 -10.79
C LEU D 49 19.51 -13.69 -10.75
N GLU D 50 20.13 -14.03 -11.86
CA GLU D 50 21.59 -13.95 -11.99
C GLU D 50 21.91 -12.97 -13.11
N ASP D 51 23.12 -12.37 -13.06
CA ASP D 51 23.51 -11.37 -14.05
C ASP D 51 22.44 -10.26 -14.14
N ALA D 52 21.84 -9.93 -13.00
CA ALA D 52 20.79 -8.92 -12.98
C ALA D 52 21.30 -7.50 -13.09
N GLU D 53 20.44 -6.62 -13.60
CA GLU D 53 20.79 -5.21 -13.74
C GLU D 53 19.54 -4.36 -13.59
N GLU D 54 19.70 -3.12 -13.15
CA GLU D 54 18.59 -2.22 -13.02
C GLU D 54 18.73 -1.24 -14.16
N ILE D 55 17.60 -0.81 -14.69
CA ILE D 55 17.56 0.18 -15.72
C ILE D 55 17.00 1.40 -15.05
N ILE D 56 17.87 2.40 -14.90
CA ILE D 56 17.48 3.63 -14.23
C ILE D 56 17.81 4.83 -15.10
N ASP D 57 16.79 5.57 -15.49
CA ASP D 57 16.95 6.76 -16.32
C ASP D 57 17.81 6.47 -17.56
N GLY D 58 17.53 5.36 -18.24
CA GLY D 58 18.28 5.01 -19.42
C GLY D 58 19.67 4.41 -19.20
N ASN D 59 20.12 4.32 -17.95
CA ASN D 59 21.43 3.73 -17.72
C ASN D 59 21.30 2.34 -17.10
N VAL D 60 22.26 1.48 -17.37
CA VAL D 60 22.20 0.10 -16.86
C VAL D 60 23.14 -0.06 -15.67
N TYR D 61 22.65 -0.56 -14.53
CA TYR D 61 23.53 -0.78 -13.37
C TYR D 61 23.59 -2.29 -13.14
N LYS D 62 24.77 -2.88 -13.32
CA LYS D 62 24.90 -4.31 -13.13
C LYS D 62 24.94 -4.67 -11.66
N ARG D 63 24.15 -5.67 -11.25
CA ARG D 63 24.11 -6.03 -9.84
C ARG D 63 24.57 -7.46 -9.54
N GLY D 64 24.39 -8.35 -10.51
CA GLY D 64 24.79 -9.74 -10.31
C GLY D 64 23.61 -10.60 -9.82
N THR D 65 23.82 -11.21 -8.66
CA THR D 65 22.80 -12.08 -8.07
C THR D 65 21.75 -11.25 -7.37
N MET D 66 20.48 -11.54 -7.64
CA MET D 66 19.41 -10.76 -7.02
C MET D 66 18.20 -11.59 -6.60
N VAL D 67 17.78 -11.43 -5.35
CA VAL D 67 16.58 -12.06 -4.82
C VAL D 67 15.51 -10.95 -4.90
N VAL D 68 14.39 -11.21 -5.57
CA VAL D 68 13.35 -10.19 -5.74
C VAL D 68 12.09 -10.65 -5.00
N ARG D 69 11.51 -9.77 -4.18
CA ARG D 69 10.28 -10.17 -3.48
C ARG D 69 9.05 -10.05 -4.35
N GLY D 70 8.33 -11.16 -4.52
CA GLY D 70 7.14 -11.17 -5.34
C GLY D 70 6.05 -10.18 -4.94
N GLU D 71 5.96 -9.87 -3.65
CA GLU D 71 4.91 -8.95 -3.18
C GLU D 71 4.96 -7.59 -3.89
N ASN D 72 6.14 -7.16 -4.30
CA ASN D 72 6.26 -5.88 -4.98
C ASN D 72 6.45 -5.98 -6.48
N VAL D 73 6.28 -7.18 -7.02
CA VAL D 73 6.42 -7.37 -8.47
C VAL D 73 5.13 -6.99 -9.22
N LEU D 74 5.25 -6.24 -10.31
CA LEU D 74 4.11 -5.87 -11.13
C LEU D 74 3.93 -6.94 -12.19
N PHE D 75 5.00 -7.19 -12.96
CA PHE D 75 4.98 -8.24 -13.99
C PHE D 75 6.36 -8.80 -14.27
N ILE D 76 6.39 -9.98 -14.87
CA ILE D 76 7.64 -10.63 -15.28
C ILE D 76 7.39 -10.98 -16.74
N SER D 77 8.35 -10.68 -17.61
CA SER D 77 8.20 -11.01 -19.02
C SER D 77 9.47 -11.56 -19.68
N PRO D 78 9.45 -12.82 -20.14
CA PRO D 78 10.69 -13.31 -20.79
C PRO D 78 10.99 -12.44 -22.00
N VAL D 79 12.23 -12.01 -22.08
CA VAL D 79 12.68 -11.15 -23.15
C VAL D 79 12.66 -11.97 -24.45
N PRO D 80 12.04 -11.43 -25.50
CA PRO D 80 11.94 -12.10 -26.81
C PRO D 80 13.31 -12.21 -27.48
N CYS E 8 -27.76 -15.08 -10.09
CA CYS E 8 -27.63 -15.41 -8.64
C CYS E 8 -26.17 -15.78 -8.26
N PHE E 9 -25.23 -15.35 -9.11
CA PHE E 9 -23.80 -15.49 -8.84
C PHE E 9 -23.14 -14.33 -9.64
N ALA E 10 -21.98 -13.86 -9.18
CA ALA E 10 -21.29 -12.79 -9.85
C ALA E 10 -20.78 -13.31 -11.20
N THR E 11 -20.78 -12.45 -12.21
CA THR E 11 -20.37 -12.89 -13.55
C THR E 11 -19.03 -12.40 -14.06
N LEU E 12 -18.19 -11.89 -13.16
CA LEU E 12 -16.89 -11.39 -13.54
C LEU E 12 -15.99 -12.53 -14.08
N GLY E 13 -15.97 -13.67 -13.39
CA GLY E 13 -15.16 -14.76 -13.86
C GLY E 13 -15.59 -15.25 -15.24
N ALA E 14 -16.89 -15.35 -15.46
CA ALA E 14 -17.39 -15.76 -16.77
C ALA E 14 -16.90 -14.78 -17.82
N THR E 15 -16.84 -13.50 -17.46
CA THR E 15 -16.39 -12.47 -18.42
C THR E 15 -14.92 -12.69 -18.80
N LEU E 16 -14.08 -12.98 -17.81
CA LEU E 16 -12.68 -13.21 -18.10
C LEU E 16 -12.53 -14.48 -18.96
N GLN E 17 -13.31 -15.51 -18.64
CA GLN E 17 -13.24 -16.77 -19.40
C GLN E 17 -13.54 -16.45 -20.86
N ASP E 18 -14.58 -15.65 -21.08
CA ASP E 18 -14.96 -15.28 -22.43
C ASP E 18 -13.95 -14.38 -23.12
N SER E 19 -12.99 -13.85 -22.37
CA SER E 19 -12.00 -12.97 -22.96
C SER E 19 -10.72 -13.71 -23.34
N ILE E 20 -10.69 -15.02 -23.13
CA ILE E 20 -9.50 -15.78 -23.47
C ILE E 20 -9.30 -15.67 -24.98
N GLY E 21 -8.09 -15.33 -25.41
CA GLY E 21 -7.85 -15.23 -26.83
C GLY E 21 -8.12 -13.86 -27.41
N LYS E 22 -8.66 -12.95 -26.62
CA LYS E 22 -8.93 -11.59 -27.09
C LYS E 22 -7.90 -10.60 -26.52
N GLN E 23 -7.74 -9.47 -27.19
CA GLN E 23 -6.83 -8.44 -26.71
C GLN E 23 -7.53 -7.74 -25.56
N VAL E 24 -6.79 -7.44 -24.50
CA VAL E 24 -7.34 -6.74 -23.35
C VAL E 24 -6.43 -5.58 -22.97
N LEU E 25 -7.02 -4.58 -22.32
CA LEU E 25 -6.30 -3.43 -21.83
C LEU E 25 -6.25 -3.69 -20.32
N VAL E 26 -5.07 -3.58 -19.73
CA VAL E 26 -4.92 -3.80 -18.30
C VAL E 26 -4.17 -2.60 -17.72
N LYS E 27 -4.70 -2.00 -16.67
CA LYS E 27 -4.00 -0.90 -16.02
C LYS E 27 -3.66 -1.38 -14.62
N LEU E 28 -2.49 -0.97 -14.13
CA LEU E 28 -2.03 -1.39 -12.82
C LEU E 28 -1.70 -0.19 -11.95
N ARG E 29 -1.39 -0.47 -10.69
CA ARG E 29 -0.96 0.55 -9.71
C ARG E 29 0.26 1.24 -10.29
N ASP E 30 0.55 2.46 -9.81
CA ASP E 30 1.69 3.26 -10.25
C ASP E 30 1.63 3.64 -11.74
N SER E 31 0.43 3.91 -12.24
CA SER E 31 0.18 4.33 -13.63
C SER E 31 0.68 3.43 -14.76
N HIS E 32 0.63 2.11 -14.62
CA HIS E 32 1.08 1.23 -15.70
C HIS E 32 -0.13 0.87 -16.58
N GLU E 33 0.14 0.81 -17.88
CA GLU E 33 -0.89 0.52 -18.88
C GLU E 33 -0.32 -0.51 -19.82
N ILE E 34 -0.99 -1.64 -19.93
CA ILE E 34 -0.53 -2.72 -20.76
C ILE E 34 -1.63 -3.28 -21.64
N ARG E 35 -1.26 -3.78 -22.81
CA ARG E 35 -2.22 -4.39 -23.73
C ARG E 35 -1.59 -5.73 -24.15
N GLY E 36 -2.41 -6.76 -24.26
CA GLY E 36 -1.92 -8.06 -24.66
C GLY E 36 -3.09 -9.01 -24.89
N ILE E 37 -2.78 -10.21 -25.38
CA ILE E 37 -3.79 -11.21 -25.60
C ILE E 37 -3.92 -12.02 -24.31
N LEU E 38 -5.12 -12.08 -23.74
CA LEU E 38 -5.29 -12.86 -22.52
C LEU E 38 -5.21 -14.35 -22.84
N ARG E 39 -4.26 -15.04 -22.26
CA ARG E 39 -4.13 -16.48 -22.48
C ARG E 39 -4.56 -17.34 -21.27
N SER E 40 -4.45 -16.80 -20.05
CA SER E 40 -4.78 -17.60 -18.87
C SER E 40 -4.96 -16.62 -17.71
N PHE E 41 -5.61 -17.09 -16.65
CA PHE E 41 -5.83 -16.25 -15.45
C PHE E 41 -6.28 -17.14 -14.29
N ASP E 42 -6.24 -16.62 -13.07
CA ASP E 42 -6.69 -17.42 -11.94
C ASP E 42 -7.65 -16.57 -11.12
N GLN E 43 -8.14 -17.12 -10.01
CA GLN E 43 -9.14 -16.38 -9.23
C GLN E 43 -8.62 -15.09 -8.59
N HIS E 44 -7.29 -14.95 -8.46
CA HIS E 44 -6.71 -13.72 -7.88
C HIS E 44 -6.43 -12.67 -8.96
N VAL E 45 -6.90 -12.95 -10.17
CA VAL E 45 -6.68 -12.05 -11.31
C VAL E 45 -5.19 -11.98 -11.76
N ASN E 46 -4.40 -12.98 -11.38
CA ASN E 46 -3.03 -13.05 -11.90
C ASN E 46 -3.30 -13.39 -13.38
N LEU E 47 -2.56 -12.79 -14.29
CA LEU E 47 -2.79 -12.99 -15.72
C LEU E 47 -1.59 -13.44 -16.49
N LEU E 48 -1.86 -14.17 -17.58
CA LEU E 48 -0.82 -14.56 -18.51
C LEU E 48 -1.26 -13.86 -19.80
N LEU E 49 -0.40 -13.00 -20.34
CA LEU E 49 -0.71 -12.32 -21.59
C LEU E 49 0.34 -12.72 -22.65
N GLU E 50 -0.07 -12.72 -23.93
CA GLU E 50 0.87 -12.94 -25.03
C GLU E 50 0.84 -11.72 -25.96
N ASP E 51 1.93 -11.48 -26.69
CA ASP E 51 2.02 -10.33 -27.59
C ASP E 51 1.70 -9.06 -26.81
N ALA E 52 2.12 -9.01 -25.57
CA ALA E 52 1.82 -7.86 -24.73
C ALA E 52 2.76 -6.68 -24.98
N GLU E 53 2.29 -5.49 -24.65
CA GLU E 53 3.09 -4.28 -24.82
C GLU E 53 2.75 -3.27 -23.73
N GLU E 54 3.73 -2.47 -23.34
CA GLU E 54 3.54 -1.40 -22.37
C GLU E 54 3.36 -0.08 -23.12
N ILE E 55 2.44 0.75 -22.63
CA ILE E 55 2.21 2.07 -23.20
C ILE E 55 2.66 3.02 -22.10
N ILE E 56 3.72 3.78 -22.37
CA ILE E 56 4.28 4.68 -21.39
C ILE E 56 4.56 6.04 -22.00
N ASP E 57 3.72 7.03 -21.66
CA ASP E 57 3.88 8.40 -22.18
C ASP E 57 3.90 8.44 -23.71
N GLY E 58 3.02 7.69 -24.35
CA GLY E 58 3.01 7.71 -25.80
C GLY E 58 3.98 6.71 -26.40
N ASN E 59 4.93 6.20 -25.61
CA ASN E 59 5.84 5.21 -26.11
C ASN E 59 5.15 3.82 -26.09
N VAL E 60 5.52 2.95 -27.02
CA VAL E 60 4.98 1.57 -27.01
C VAL E 60 6.13 0.56 -27.00
N TYR E 61 6.27 -0.19 -25.91
CA TYR E 61 7.34 -1.20 -25.85
C TYR E 61 6.79 -2.63 -25.90
N LYS E 62 7.06 -3.35 -26.99
CA LYS E 62 6.58 -4.72 -27.18
C LYS E 62 7.32 -5.67 -26.20
N ARG E 63 6.59 -6.53 -25.51
CA ARG E 63 7.22 -7.42 -24.54
C ARG E 63 6.99 -8.88 -24.83
N GLY E 64 5.91 -9.24 -25.53
CA GLY E 64 5.65 -10.64 -25.81
C GLY E 64 4.87 -11.32 -24.68
N THR E 65 5.45 -12.35 -24.09
CA THR E 65 4.79 -13.08 -23.03
C THR E 65 4.95 -12.34 -21.71
N MET E 66 3.86 -12.20 -20.98
CA MET E 66 3.91 -11.48 -19.71
C MET E 66 3.00 -12.11 -18.64
N VAL E 67 3.56 -12.28 -17.44
CA VAL E 67 2.82 -12.79 -16.28
C VAL E 67 2.60 -11.57 -15.41
N VAL E 68 1.33 -11.24 -15.13
CA VAL E 68 0.96 -10.06 -14.33
C VAL E 68 0.33 -10.45 -12.99
N ARG E 69 0.85 -9.89 -11.90
CA ARG E 69 0.26 -10.19 -10.58
C ARG E 69 -1.06 -9.44 -10.40
N GLY E 70 -2.12 -10.17 -10.05
CA GLY E 70 -3.43 -9.56 -9.87
C GLY E 70 -3.52 -8.54 -8.75
N GLU E 71 -2.69 -8.66 -7.72
CA GLU E 71 -2.77 -7.72 -6.60
C GLU E 71 -2.63 -6.25 -7.02
N ASN E 72 -1.87 -5.95 -8.08
CA ASN E 72 -1.76 -4.54 -8.49
C ASN E 72 -2.70 -4.14 -9.63
N VAL E 73 -3.51 -5.08 -10.10
CA VAL E 73 -4.39 -4.80 -11.22
C VAL E 73 -5.50 -3.88 -10.79
N LEU E 74 -5.77 -2.83 -11.59
CA LEU E 74 -6.86 -1.90 -11.31
C LEU E 74 -8.08 -2.42 -12.06
N PHE E 75 -7.89 -2.65 -13.36
CA PHE E 75 -8.98 -3.17 -14.18
C PHE E 75 -8.45 -3.90 -15.41
N ILE E 76 -9.33 -4.70 -16.00
CA ILE E 76 -9.03 -5.47 -17.20
C ILE E 76 -10.21 -5.21 -18.12
N SER E 77 -9.94 -4.74 -19.33
CA SER E 77 -11.00 -4.45 -20.28
C SER E 77 -10.75 -5.01 -21.70
N PRO E 78 -11.57 -5.97 -22.17
CA PRO E 78 -11.37 -6.51 -23.53
C PRO E 78 -11.41 -5.32 -24.50
N VAL E 79 -10.45 -5.22 -25.41
CA VAL E 79 -10.42 -4.07 -26.34
C VAL E 79 -11.56 -4.19 -27.33
N PRO E 80 -12.47 -3.21 -27.34
CA PRO E 80 -13.63 -3.22 -28.25
C PRO E 80 -13.22 -3.35 -29.72
N CYS F 8 -31.09 -3.03 11.15
CA CYS F 8 -30.24 -3.86 12.05
C CYS F 8 -29.16 -4.63 11.29
N PHE F 9 -28.81 -4.11 10.12
CA PHE F 9 -27.75 -4.66 9.28
C PHE F 9 -27.33 -3.53 8.35
N ALA F 10 -26.10 -3.60 7.87
CA ALA F 10 -25.55 -2.59 6.97
C ALA F 10 -26.30 -2.66 5.66
N THR F 11 -26.50 -1.54 4.99
CA THR F 11 -27.23 -1.55 3.73
C THR F 11 -26.38 -1.25 2.50
N LEU F 12 -25.06 -1.34 2.63
CA LEU F 12 -24.17 -1.09 1.49
C LEU F 12 -24.47 -2.10 0.37
N GLY F 13 -24.59 -3.38 0.76
CA GLY F 13 -24.86 -4.42 -0.20
C GLY F 13 -26.18 -4.18 -0.93
N ALA F 14 -27.21 -3.78 -0.18
CA ALA F 14 -28.51 -3.53 -0.81
C ALA F 14 -28.39 -2.35 -1.79
N THR F 15 -27.54 -1.38 -1.49
CA THR F 15 -27.35 -0.24 -2.37
C THR F 15 -26.74 -0.66 -3.72
N LEU F 16 -25.77 -1.56 -3.67
CA LEU F 16 -25.13 -2.06 -4.91
C LEU F 16 -26.15 -2.89 -5.70
N GLN F 17 -26.91 -3.74 -5.00
CA GLN F 17 -27.93 -4.54 -5.67
C GLN F 17 -28.88 -3.58 -6.42
N ASP F 18 -29.29 -2.51 -5.75
CA ASP F 18 -30.21 -1.54 -6.34
C ASP F 18 -29.61 -0.75 -7.52
N SER F 19 -28.28 -0.77 -7.66
CA SER F 19 -27.60 -0.05 -8.75
C SER F 19 -27.39 -0.89 -10.01
N ILE F 20 -27.68 -2.19 -9.95
CA ILE F 20 -27.53 -3.07 -11.11
C ILE F 20 -28.28 -2.45 -12.30
N GLY F 21 -27.60 -2.29 -13.42
CA GLY F 21 -28.22 -1.72 -14.59
C GLY F 21 -28.14 -0.20 -14.69
N LYS F 22 -27.61 0.44 -13.65
CA LYS F 22 -27.50 1.89 -13.63
C LYS F 22 -26.05 2.34 -13.81
N GLN F 23 -25.87 3.55 -14.34
CA GLN F 23 -24.52 4.05 -14.51
C GLN F 23 -23.94 4.39 -13.13
N VAL F 24 -22.67 4.06 -12.92
CA VAL F 24 -22.06 4.36 -11.63
C VAL F 24 -20.75 5.07 -11.87
N LEU F 25 -20.35 5.95 -10.96
CA LEU F 25 -19.07 6.61 -11.05
C LEU F 25 -18.22 5.80 -10.06
N VAL F 26 -17.01 5.44 -10.45
CA VAL F 26 -16.13 4.66 -9.60
C VAL F 26 -14.72 5.28 -9.60
N LYS F 27 -14.19 5.59 -8.42
CA LYS F 27 -12.82 6.09 -8.37
C LYS F 27 -11.92 5.06 -7.71
N LEU F 28 -10.70 4.97 -8.21
CA LEU F 28 -9.73 4.00 -7.74
C LEU F 28 -8.46 4.67 -7.21
N ARG F 29 -7.57 3.84 -6.67
CA ARG F 29 -6.26 4.28 -6.19
C ARG F 29 -5.54 4.93 -7.37
N ASP F 30 -4.54 5.75 -7.05
CA ASP F 30 -3.75 6.45 -8.05
C ASP F 30 -4.52 7.39 -8.95
N SER F 31 -5.59 8.00 -8.45
CA SER F 31 -6.38 8.98 -9.17
C SER F 31 -7.11 8.52 -10.42
N HIS F 32 -7.62 7.30 -10.43
CA HIS F 32 -8.34 6.83 -11.60
C HIS F 32 -9.83 7.09 -11.42
N GLU F 33 -10.48 7.52 -12.51
CA GLU F 33 -11.89 7.82 -12.49
C GLU F 33 -12.56 7.13 -13.67
N ILE F 34 -13.54 6.28 -13.36
CA ILE F 34 -14.23 5.48 -14.35
C ILE F 34 -15.74 5.57 -14.21
N ARG F 35 -16.44 5.46 -15.34
CA ARG F 35 -17.93 5.48 -15.36
C ARG F 35 -18.40 4.33 -16.25
N GLY F 36 -19.55 3.76 -15.92
CA GLY F 36 -20.10 2.68 -16.71
C GLY F 36 -21.38 2.15 -16.09
N ILE F 37 -22.00 1.17 -16.74
CA ILE F 37 -23.22 0.55 -16.20
C ILE F 37 -22.80 -0.66 -15.41
N LEU F 38 -23.23 -0.72 -14.16
CA LEU F 38 -22.93 -1.82 -13.27
C LEU F 38 -23.75 -3.03 -13.64
N ARG F 39 -23.07 -4.12 -14.00
CA ARG F 39 -23.73 -5.34 -14.39
C ARG F 39 -23.61 -6.48 -13.39
N SER F 40 -22.60 -6.44 -12.53
CA SER F 40 -22.41 -7.50 -11.56
C SER F 40 -21.38 -7.02 -10.53
N PHE F 41 -21.41 -7.63 -9.34
CA PHE F 41 -20.44 -7.28 -8.30
C PHE F 41 -20.41 -8.40 -7.27
N ASP F 42 -19.38 -8.38 -6.42
CA ASP F 42 -19.31 -9.39 -5.35
C ASP F 42 -19.07 -8.66 -4.06
N GLN F 43 -18.93 -9.43 -2.97
CA GLN F 43 -18.73 -8.91 -1.63
C GLN F 43 -17.41 -8.18 -1.41
N HIS F 44 -16.45 -8.38 -2.32
CA HIS F 44 -15.16 -7.69 -2.20
C HIS F 44 -15.18 -6.40 -3.01
N VAL F 45 -16.34 -6.07 -3.54
CA VAL F 45 -16.52 -4.88 -4.38
C VAL F 45 -15.79 -4.99 -5.73
N ASN F 46 -15.54 -6.21 -6.19
CA ASN F 46 -15.02 -6.40 -7.55
C ASN F 46 -16.25 -6.07 -8.43
N LEU F 47 -16.06 -5.40 -9.56
CA LEU F 47 -17.20 -5.00 -10.37
C LEU F 47 -17.06 -5.36 -11.83
N LEU F 48 -18.19 -5.52 -12.49
CA LEU F 48 -18.22 -5.75 -13.92
C LEU F 48 -19.04 -4.56 -14.43
N LEU F 49 -18.44 -3.79 -15.33
CA LEU F 49 -19.09 -2.64 -15.89
C LEU F 49 -19.24 -2.85 -17.38
N GLU F 50 -20.32 -2.30 -17.96
CA GLU F 50 -20.47 -2.37 -19.40
C GLU F 50 -20.49 -0.90 -19.88
N ASP F 51 -20.09 -0.67 -21.13
CA ASP F 51 -20.04 0.68 -21.67
C ASP F 51 -19.19 1.59 -20.78
N ALA F 52 -18.14 1.02 -20.22
CA ALA F 52 -17.28 1.78 -19.34
C ALA F 52 -16.41 2.76 -20.11
N GLU F 53 -16.02 3.82 -19.42
CA GLU F 53 -15.12 4.80 -19.99
C GLU F 53 -14.25 5.36 -18.86
N GLU F 54 -13.02 5.76 -19.19
CA GLU F 54 -12.13 6.37 -18.22
C GLU F 54 -12.17 7.87 -18.47
N ILE F 55 -12.09 8.64 -17.40
CA ILE F 55 -12.03 10.10 -17.53
C ILE F 55 -10.59 10.42 -17.13
N ILE F 56 -9.81 10.88 -18.10
CA ILE F 56 -8.40 11.22 -17.91
C ILE F 56 -8.17 12.65 -18.43
N ASP F 57 -7.73 13.51 -17.54
CA ASP F 57 -7.48 14.92 -17.86
C ASP F 57 -8.63 15.58 -18.64
N GLY F 58 -9.86 15.38 -18.18
CA GLY F 58 -11.00 15.98 -18.83
C GLY F 58 -11.44 15.35 -20.14
N ASN F 59 -10.74 14.32 -20.60
CA ASN F 59 -11.09 13.63 -21.83
C ASN F 59 -11.69 12.25 -21.52
N VAL F 60 -12.58 11.78 -22.37
CA VAL F 60 -13.27 10.50 -22.16
C VAL F 60 -12.72 9.41 -23.06
N TYR F 61 -12.29 8.29 -22.48
CA TYR F 61 -11.77 7.14 -23.24
C TYR F 61 -12.73 5.96 -23.08
N LYS F 62 -13.41 5.58 -24.15
CA LYS F 62 -14.36 4.49 -24.10
C LYS F 62 -13.68 3.13 -24.10
N ARG F 63 -14.05 2.29 -23.15
CA ARG F 63 -13.42 0.97 -23.01
C ARG F 63 -14.38 -0.19 -23.23
N GLY F 64 -15.66 0.00 -22.92
CA GLY F 64 -16.61 -1.08 -23.11
C GLY F 64 -16.79 -1.91 -21.85
N THR F 65 -16.48 -3.20 -21.93
CA THR F 65 -16.61 -4.11 -20.81
C THR F 65 -15.38 -4.03 -19.95
N MET F 66 -15.59 -3.94 -18.64
CA MET F 66 -14.51 -3.80 -17.69
C MET F 66 -14.73 -4.53 -16.37
N VAL F 67 -13.73 -5.33 -15.99
CA VAL F 67 -13.73 -6.00 -14.69
C VAL F 67 -12.84 -5.11 -13.81
N VAL F 68 -13.38 -4.65 -12.69
CA VAL F 68 -12.66 -3.77 -11.78
C VAL F 68 -12.38 -4.47 -10.45
N ARG F 69 -11.15 -4.41 -9.97
CA ARG F 69 -10.81 -5.05 -8.70
C ARG F 69 -11.16 -4.18 -7.48
N GLY F 70 -11.98 -4.72 -6.60
CA GLY F 70 -12.40 -4.00 -5.41
C GLY F 70 -11.28 -3.55 -4.48
N GLU F 71 -10.21 -4.32 -4.42
CA GLU F 71 -9.06 -3.99 -3.56
C GLU F 71 -8.61 -2.55 -3.78
N ASN F 72 -8.69 -2.09 -5.02
CA ASN F 72 -8.24 -0.74 -5.34
C ASN F 72 -9.32 0.28 -5.55
N VAL F 73 -10.56 -0.03 -5.14
CA VAL F 73 -11.66 0.92 -5.28
C VAL F 73 -11.71 1.86 -4.06
N LEU F 74 -11.98 3.14 -4.30
CA LEU F 74 -12.13 4.12 -3.23
C LEU F 74 -13.64 4.22 -2.95
N PHE F 75 -14.44 4.49 -3.98
CA PHE F 75 -15.88 4.57 -3.78
C PHE F 75 -16.61 4.26 -5.08
N ILE F 76 -17.88 3.93 -4.94
CA ILE F 76 -18.76 3.63 -6.05
C ILE F 76 -19.97 4.52 -5.78
N SER F 77 -20.34 5.32 -6.77
CA SER F 77 -21.46 6.23 -6.63
C SER F 77 -22.42 6.17 -7.81
N PRO F 78 -23.65 5.64 -7.61
CA PRO F 78 -24.63 5.56 -8.69
C PRO F 78 -24.84 7.01 -9.16
N VAL F 79 -24.75 7.23 -10.47
CA VAL F 79 -24.89 8.56 -11.04
C VAL F 79 -26.36 9.00 -11.05
N PRO F 80 -26.68 10.08 -10.30
CA PRO F 80 -28.00 10.68 -10.14
C PRO F 80 -28.86 10.62 -11.39
N GLY F 81 -28.38 11.27 -12.45
CA GLY F 81 -29.12 11.26 -13.71
C GLY F 81 -30.52 11.82 -13.54
N CYS G 8 -14.94 0.57 29.48
CA CYS G 8 -14.21 -0.74 29.54
C CYS G 8 -14.32 -1.43 28.18
N PHE G 9 -14.57 -0.60 27.16
CA PHE G 9 -14.66 -1.05 25.78
C PHE G 9 -14.42 0.20 24.91
N ALA G 10 -13.91 -0.02 23.69
CA ALA G 10 -13.63 1.05 22.76
C ALA G 10 -14.94 1.69 22.35
N THR G 11 -14.97 3.01 22.24
CA THR G 11 -16.20 3.71 21.91
C THR G 11 -16.30 4.27 20.49
N LEU G 12 -15.40 3.83 19.62
CA LEU G 12 -15.41 4.28 18.22
C LEU G 12 -16.69 3.85 17.54
N GLY G 13 -17.12 2.62 17.80
CA GLY G 13 -18.33 2.12 17.21
C GLY G 13 -19.54 2.92 17.62
N ALA G 14 -19.59 3.24 18.90
CA ALA G 14 -20.70 4.02 19.43
C ALA G 14 -20.78 5.37 18.76
N THR G 15 -19.62 5.98 18.50
CA THR G 15 -19.55 7.30 17.85
C THR G 15 -20.18 7.26 16.47
N LEU G 16 -19.75 6.31 15.66
CA LEU G 16 -20.33 6.20 14.33
C LEU G 16 -21.84 5.95 14.40
N GLN G 17 -22.29 5.14 15.36
CA GLN G 17 -23.74 4.90 15.50
C GLN G 17 -24.44 6.22 15.75
N ASP G 18 -23.84 7.05 16.58
CA ASP G 18 -24.40 8.35 16.92
C ASP G 18 -24.33 9.33 15.76
N SER G 19 -23.55 9.00 14.73
CA SER G 19 -23.42 9.88 13.58
C SER G 19 -24.36 9.54 12.43
N ILE G 20 -25.13 8.47 12.59
CA ILE G 20 -26.07 8.09 11.53
C ILE G 20 -27.01 9.30 11.37
N GLY G 21 -27.20 9.76 10.13
CA GLY G 21 -28.07 10.88 9.88
C GLY G 21 -27.34 12.22 9.95
N LYS G 22 -26.08 12.21 10.38
CA LYS G 22 -25.33 13.46 10.44
C LYS G 22 -24.42 13.62 9.21
N GLN G 23 -24.03 14.87 8.97
CA GLN G 23 -23.13 15.16 7.87
C GLN G 23 -21.73 14.84 8.43
N VAL G 24 -20.89 14.18 7.64
CA VAL G 24 -19.55 13.85 8.11
C VAL G 24 -18.50 14.20 7.06
N LEU G 25 -17.27 14.41 7.51
CA LEU G 25 -16.17 14.68 6.60
C LEU G 25 -15.34 13.38 6.57
N VAL G 26 -15.07 12.84 5.39
CA VAL G 26 -14.28 11.62 5.28
C VAL G 26 -13.08 11.89 4.39
N LYS G 27 -11.90 11.58 4.87
CA LYS G 27 -10.71 11.76 4.05
C LYS G 27 -10.17 10.37 3.78
N LEU G 28 -9.70 10.19 2.55
CA LEU G 28 -9.22 8.89 2.08
C LEU G 28 -7.77 8.92 1.58
N ARG G 29 -7.21 7.74 1.31
CA ARG G 29 -5.84 7.63 0.74
C ARG G 29 -5.84 8.42 -0.56
N ASP G 30 -4.65 8.81 -1.00
CA ASP G 30 -4.45 9.57 -2.25
C ASP G 30 -5.10 10.96 -2.23
N SER G 31 -5.24 11.55 -1.05
CA SER G 31 -5.78 12.91 -0.92
C SER G 31 -7.22 13.11 -1.32
N HIS G 32 -8.09 12.15 -1.05
CA HIS G 32 -9.49 12.34 -1.39
C HIS G 32 -10.18 12.91 -0.17
N GLU G 33 -11.12 13.83 -0.42
CA GLU G 33 -11.88 14.50 0.62
C GLU G 33 -13.32 14.50 0.21
N ILE G 34 -14.12 13.88 1.07
CA ILE G 34 -15.56 13.72 0.83
C ILE G 34 -16.47 14.15 2.00
N ARG G 35 -17.61 14.72 1.65
CA ARG G 35 -18.59 15.13 2.65
C ARG G 35 -19.94 14.51 2.27
N GLY G 36 -20.69 14.04 3.26
CA GLY G 36 -22.01 13.47 2.98
C GLY G 36 -22.73 13.07 4.25
N ILE G 37 -24.02 12.72 4.14
CA ILE G 37 -24.76 12.27 5.29
C ILE G 37 -24.52 10.76 5.48
N LEU G 38 -24.03 10.37 6.65
CA LEU G 38 -23.80 8.97 6.97
C LEU G 38 -25.13 8.24 7.15
N ARG G 39 -25.37 7.25 6.31
CA ARG G 39 -26.58 6.49 6.41
C ARG G 39 -26.37 5.06 6.93
N SER G 40 -25.18 4.50 6.71
CA SER G 40 -24.91 3.14 7.17
C SER G 40 -23.42 2.87 7.19
N PHE G 41 -23.01 1.86 7.93
CA PHE G 41 -21.60 1.50 8.03
C PHE G 41 -21.47 0.09 8.61
N ASP G 42 -20.29 -0.50 8.46
CA ASP G 42 -20.02 -1.81 9.04
C ASP G 42 -18.76 -1.74 9.91
N GLN G 43 -18.39 -2.86 10.51
CA GLN G 43 -17.22 -2.93 11.39
C GLN G 43 -15.91 -2.64 10.64
N HIS G 44 -15.92 -2.72 9.31
CA HIS G 44 -14.69 -2.44 8.54
C HIS G 44 -14.59 -1.00 8.08
N VAL G 45 -15.48 -0.18 8.61
CA VAL G 45 -15.54 1.24 8.28
C VAL G 45 -15.95 1.48 6.83
N ASN G 46 -16.54 0.50 6.16
CA ASN G 46 -17.08 0.71 4.83
C ASN G 46 -18.29 1.64 5.13
N LEU G 47 -18.61 2.58 4.26
CA LEU G 47 -19.65 3.55 4.54
C LEU G 47 -20.66 3.73 3.43
N LEU G 48 -21.88 4.07 3.83
CA LEU G 48 -22.91 4.40 2.85
C LEU G 48 -23.21 5.88 3.12
N LEU G 49 -22.95 6.73 2.14
CA LEU G 49 -23.24 8.14 2.31
C LEU G 49 -24.35 8.55 1.33
N GLU G 50 -25.12 9.58 1.70
CA GLU G 50 -26.14 10.16 0.81
C GLU G 50 -25.86 11.66 0.68
N ASP G 51 -26.30 12.26 -0.43
CA ASP G 51 -26.06 13.69 -0.69
C ASP G 51 -24.55 13.97 -0.55
N ALA G 52 -23.73 13.05 -1.04
CA ALA G 52 -22.28 13.19 -0.91
C ALA G 52 -21.71 14.07 -2.01
N GLU G 53 -20.55 14.62 -1.72
CA GLU G 53 -19.84 15.45 -2.68
C GLU G 53 -18.36 15.29 -2.46
N GLU G 54 -17.60 15.41 -3.55
CA GLU G 54 -16.15 15.38 -3.48
C GLU G 54 -15.66 16.81 -3.50
N ILE G 55 -14.59 17.06 -2.73
CA ILE G 55 -13.95 18.36 -2.67
C ILE G 55 -12.55 18.16 -3.23
N ILE G 56 -12.31 18.70 -4.42
CA ILE G 56 -11.04 18.54 -5.10
C ILE G 56 -10.45 19.87 -5.53
N ASP G 57 -9.44 20.33 -4.79
CA ASP G 57 -8.75 21.58 -5.10
C ASP G 57 -9.74 22.76 -5.16
N GLY G 58 -10.68 22.82 -4.25
CA GLY G 58 -11.63 23.92 -4.31
C GLY G 58 -12.86 23.62 -5.16
N ASN G 59 -12.80 22.60 -6.01
CA ASN G 59 -14.01 22.27 -6.78
C ASN G 59 -14.86 21.40 -5.83
N VAL G 60 -16.17 21.42 -6.05
CA VAL G 60 -17.13 20.63 -5.28
C VAL G 60 -17.98 19.94 -6.35
N TYR G 61 -17.94 18.61 -6.37
CA TYR G 61 -18.71 17.82 -7.31
C TYR G 61 -19.73 17.01 -6.50
N LYS G 62 -21.02 17.28 -6.73
CA LYS G 62 -22.06 16.53 -6.03
C LYS G 62 -22.18 15.12 -6.61
N ARG G 63 -22.21 14.11 -5.75
CA ARG G 63 -22.29 12.74 -6.24
C ARG G 63 -23.57 12.04 -5.83
N GLY G 64 -24.13 12.44 -4.68
CA GLY G 64 -25.37 11.84 -4.20
C GLY G 64 -25.07 10.61 -3.33
N THR G 65 -25.54 9.43 -3.75
CA THR G 65 -25.32 8.21 -2.97
C THR G 65 -23.93 7.64 -3.25
N MET G 66 -23.21 7.32 -2.18
CA MET G 66 -21.86 6.80 -2.34
C MET G 66 -21.49 5.68 -1.36
N VAL G 67 -20.96 4.58 -1.90
CA VAL G 67 -20.48 3.48 -1.07
C VAL G 67 -18.96 3.66 -1.00
N VAL G 68 -18.43 3.82 0.21
CA VAL G 68 -17.01 4.06 0.42
C VAL G 68 -16.30 2.86 1.10
N ARG G 69 -15.20 2.37 0.52
CA ARG G 69 -14.47 1.25 1.14
C ARG G 69 -13.66 1.70 2.34
N GLY G 70 -13.87 1.03 3.47
CA GLY G 70 -13.17 1.38 4.70
C GLY G 70 -11.66 1.26 4.64
N GLU G 71 -11.18 0.28 3.86
CA GLU G 71 -9.75 0.06 3.72
C GLU G 71 -8.95 1.33 3.36
N ASN G 72 -9.55 2.26 2.64
CA ASN G 72 -8.81 3.47 2.28
C ASN G 72 -9.15 4.67 3.12
N VAL G 73 -10.03 4.49 4.10
CA VAL G 73 -10.40 5.61 4.95
C VAL G 73 -9.30 6.02 5.92
N LEU G 74 -9.05 7.33 6.01
CA LEU G 74 -8.06 7.89 6.93
C LEU G 74 -8.78 8.26 8.23
N PHE G 75 -9.85 9.04 8.11
CA PHE G 75 -10.67 9.41 9.24
C PHE G 75 -12.10 9.79 8.82
N ILE G 76 -12.97 9.78 9.82
CA ILE G 76 -14.37 10.15 9.62
C ILE G 76 -14.61 11.13 10.76
N SER G 77 -15.10 12.31 10.42
CA SER G 77 -15.37 13.36 11.42
C SER G 77 -16.77 13.99 11.26
N PRO G 78 -17.69 13.70 12.18
CA PRO G 78 -19.00 14.34 12.00
C PRO G 78 -18.80 15.85 12.00
N VAL G 79 -19.45 16.54 11.08
CA VAL G 79 -19.23 17.98 10.95
C VAL G 79 -19.90 18.82 12.04
N PRO G 80 -19.12 19.68 12.72
CA PRO G 80 -19.66 20.55 13.77
C PRO G 80 -20.80 21.42 13.22
#